data_3K88
#
_entry.id   3K88
#
_cell.length_a   113.094
_cell.length_b   113.094
_cell.length_c   101.682
_cell.angle_alpha   90.000
_cell.angle_beta   90.000
_cell.angle_gamma   120.000
#
_symmetry.space_group_name_H-M   'H 3'
#
loop_
_entity.id
_entity.type
_entity.pdbx_description
1 polymer 'Chlorophenol-4-monooxygenase component 1'
2 non-polymer 'FLAVIN-ADENINE DINUCLEOTIDE'
3 non-polymer NICOTINAMIDE-ADENINE-DINUCLEOTIDE
4 water water
#
_entity_poly.entity_id   1
_entity_poly.type   'polypeptide(L)'
_entity_poly.pdbx_seq_one_letter_code
;MHAGEAVQQLKKAFETVASFDFRDALSKASTPVTVVATNGPFGLAGLTCSAVCSVCDRPPTVLLCINRKSYAAGIIKSNG
VLSVNWLAAGQAVISQTFAGVGSVPMEERFADKGWQTIATGAPYRMDAAVSFDCTIANIVDVGSHSVIFAEVVARNHAEE
CTPLIYHRRQYATTRSLAEHHHHHH
;
_entity_poly.pdbx_strand_id   A,B
#
# COMPACT_ATOMS: atom_id res chain seq x y z
N PHE A 14 13.83 -21.20 -7.08
CA PHE A 14 13.80 -20.55 -5.76
C PHE A 14 12.61 -21.04 -4.98
N GLU A 15 12.81 -21.24 -3.68
CA GLU A 15 11.68 -21.56 -2.81
C GLU A 15 11.21 -20.32 -2.09
N THR A 16 9.90 -20.23 -1.98
CA THR A 16 9.26 -19.09 -1.37
C THR A 16 9.43 -19.17 0.18
N VAL A 17 9.52 -18.03 0.89
CA VAL A 17 9.72 -18.05 2.35
C VAL A 17 8.51 -18.69 3.06
N ALA A 18 8.69 -19.15 4.30
CA ALA A 18 7.59 -19.62 5.13
C ALA A 18 6.61 -18.49 5.37
N SER A 19 5.33 -18.81 5.33
CA SER A 19 4.27 -17.89 5.73
C SER A 19 4.52 -17.14 7.03
N PHE A 20 4.99 -17.88 8.03
CA PHE A 20 5.22 -17.27 9.34
C PHE A 20 6.34 -16.23 9.22
N ASP A 21 7.38 -16.58 8.47
CA ASP A 21 8.53 -15.72 8.28
C ASP A 21 8.17 -14.41 7.51
N PHE A 22 7.23 -14.53 6.56
CA PHE A 22 6.74 -13.41 5.76
C PHE A 22 5.92 -12.38 6.60
N ARG A 23 4.96 -12.90 7.38
CA ARG A 23 4.19 -12.10 8.31
C ARG A 23 5.10 -11.46 9.36
N ASP A 24 6.03 -12.25 9.88
CA ASP A 24 7.03 -11.72 10.79
C ASP A 24 7.71 -10.47 10.21
N ALA A 25 8.36 -10.60 9.05
CA ALA A 25 9.06 -9.46 8.45
C ALA A 25 8.13 -8.29 8.26
N LEU A 26 6.90 -8.58 7.82
CA LEU A 26 5.98 -7.50 7.47
C LEU A 26 5.56 -6.69 8.72
N SER A 27 5.58 -7.32 9.89
CA SER A 27 5.30 -6.57 11.12
C SER A 27 6.32 -5.46 11.29
N LYS A 28 7.50 -5.60 10.69
CA LYS A 28 8.49 -4.53 10.84
C LYS A 28 8.34 -3.41 9.80
N ALA A 29 7.45 -3.59 8.82
CA ALA A 29 7.15 -2.54 7.87
C ALA A 29 6.01 -1.68 8.48
N SER A 30 5.72 -0.52 7.91
CA SER A 30 4.59 0.27 8.40
C SER A 30 3.57 0.40 7.27
N THR A 31 2.30 0.64 7.62
CA THR A 31 1.22 0.83 6.66
C THR A 31 0.27 1.91 7.12
N PRO A 32 -0.52 2.46 6.20
CA PRO A 32 -1.65 3.29 6.63
C PRO A 32 -2.73 2.35 7.14
N VAL A 33 -3.77 2.93 7.73
CA VAL A 33 -4.87 2.15 8.24
C VAL A 33 -6.11 2.69 7.59
N THR A 34 -6.85 1.86 6.86
CA THR A 34 -8.13 2.32 6.27
C THR A 34 -9.32 1.51 6.79
N VAL A 35 -10.53 2.06 6.63
CA VAL A 35 -11.69 1.22 6.73
C VAL A 35 -12.25 1.18 5.34
N VAL A 36 -12.54 -0.03 4.86
CA VAL A 36 -13.24 -0.17 3.60
C VAL A 36 -14.70 -0.48 3.90
N ALA A 37 -15.63 0.31 3.36
CA ALA A 37 -17.07 0.09 3.66
C ALA A 37 -17.94 0.02 2.41
N THR A 38 -19.18 -0.49 2.54
CA THR A 38 -20.04 -0.58 1.37
C THR A 38 -21.50 -0.53 1.84
N ASN A 39 -22.43 -0.15 0.96
CA ASN A 39 -23.85 -0.38 1.24
C ASN A 39 -24.50 -0.51 -0.10
N GLY A 40 -25.69 -1.08 -0.13
CA GLY A 40 -26.36 -1.22 -1.39
C GLY A 40 -27.38 -2.34 -1.25
N PRO A 41 -27.83 -2.89 -2.37
CA PRO A 41 -28.90 -3.89 -2.31
C PRO A 41 -28.50 -5.12 -1.45
N PHE A 42 -27.21 -5.31 -1.14
CA PHE A 42 -26.80 -6.53 -0.43
C PHE A 42 -26.53 -6.26 1.00
N GLY A 43 -26.76 -5.03 1.42
CA GLY A 43 -26.51 -4.71 2.80
C GLY A 43 -25.25 -3.89 3.16
N LEU A 44 -25.17 -3.55 4.44
CA LEU A 44 -24.12 -2.71 4.98
C LEU A 44 -22.93 -3.54 5.53
N ALA A 45 -21.66 -3.23 5.21
CA ALA A 45 -20.54 -3.98 5.80
C ALA A 45 -19.26 -3.16 5.73
N GLY A 46 -18.22 -3.53 6.45
CA GLY A 46 -16.95 -2.80 6.35
C GLY A 46 -15.91 -3.59 7.11
N LEU A 47 -14.63 -3.37 6.86
CA LEU A 47 -13.57 -3.98 7.65
C LEU A 47 -12.36 -3.08 7.53
N THR A 48 -11.43 -3.29 8.43
CA THR A 48 -10.14 -2.56 8.48
C THR A 48 -9.16 -3.16 7.48
N CYS A 49 -8.53 -2.32 6.66
CA CYS A 49 -7.70 -2.82 5.57
C CYS A 49 -6.45 -1.93 5.51
N SER A 50 -5.29 -2.55 5.56
CA SER A 50 -4.05 -1.78 5.43
C SER A 50 -3.43 -2.02 4.03
N ALA A 51 -3.89 -3.04 3.31
CA ALA A 51 -3.21 -3.41 2.05
C ALA A 51 -3.92 -2.67 0.93
N VAL A 52 -3.67 -1.39 0.87
CA VAL A 52 -4.38 -0.49 -0.02
C VAL A 52 -3.31 0.30 -0.73
N CYS A 53 -3.47 0.58 -2.01
CA CYS A 53 -2.60 1.60 -2.57
C CYS A 53 -3.12 2.25 -3.82
N SER A 54 -2.49 3.37 -4.18
CA SER A 54 -2.92 4.15 -5.31
C SER A 54 -2.36 3.44 -6.56
N VAL A 55 -3.13 3.36 -7.63
CA VAL A 55 -2.66 2.68 -8.84
C VAL A 55 -2.32 3.68 -9.96
N CYS A 56 -3.28 4.47 -10.41
CA CYS A 56 -3.01 5.46 -11.50
C CYS A 56 -3.99 6.63 -11.36
N ASP A 57 -3.68 7.77 -11.98
CA ASP A 57 -4.57 8.91 -11.76
C ASP A 57 -5.50 9.16 -12.93
N ARG A 58 -5.38 8.33 -13.96
CA ARG A 58 -6.25 8.45 -15.12
C ARG A 58 -6.55 7.10 -15.77
N PRO A 59 -7.73 6.51 -15.53
CA PRO A 59 -8.80 6.96 -14.63
C PRO A 59 -8.27 6.78 -13.22
N PRO A 60 -8.70 7.65 -12.28
CA PRO A 60 -8.23 7.56 -10.89
C PRO A 60 -8.70 6.24 -10.29
N THR A 61 -7.73 5.42 -9.89
CA THR A 61 -7.99 4.04 -9.55
C THR A 61 -7.13 3.78 -8.30
N VAL A 62 -7.70 3.14 -7.30
CA VAL A 62 -6.89 2.58 -6.24
C VAL A 62 -7.10 1.04 -6.21
N LEU A 63 -6.31 0.31 -5.42
CA LEU A 63 -6.63 -1.10 -5.22
C LEU A 63 -6.60 -1.41 -3.73
N LEU A 64 -7.23 -2.50 -3.32
CA LEU A 64 -7.18 -2.96 -1.94
C LEU A 64 -7.15 -4.48 -1.98
N CYS A 65 -6.49 -5.10 -1.03
CA CYS A 65 -6.45 -6.57 -1.00
C CYS A 65 -7.18 -7.07 0.23
N ILE A 66 -8.25 -7.85 0.00
CA ILE A 66 -9.04 -8.40 1.14
C ILE A 66 -9.30 -9.88 1.07
N ASN A 67 -9.21 -10.55 2.21
CA ASN A 67 -9.46 -11.97 2.23
C ASN A 67 -10.90 -12.32 1.75
N ARG A 68 -11.03 -13.26 0.81
CA ARG A 68 -12.35 -13.55 0.20
C ARG A 68 -13.27 -14.25 1.18
N LYS A 69 -12.70 -14.74 2.27
CA LYS A 69 -13.52 -15.45 3.27
C LYS A 69 -14.34 -14.52 4.17
N SER A 70 -14.11 -13.20 4.10
CA SER A 70 -14.76 -12.34 5.12
C SER A 70 -16.18 -11.96 4.74
N TYR A 71 -16.96 -11.66 5.77
CA TYR A 71 -18.34 -11.22 5.62
C TYR A 71 -18.35 -10.01 4.70
N ALA A 72 -17.46 -9.06 4.97
CA ALA A 72 -17.40 -7.82 4.20
C ALA A 72 -17.04 -7.97 2.73
N ALA A 73 -16.04 -8.83 2.45
CA ALA A 73 -15.66 -9.10 1.04
C ALA A 73 -16.88 -9.51 0.16
N GLY A 74 -17.67 -10.42 0.69
CA GLY A 74 -18.85 -10.91 -0.01
C GLY A 74 -19.83 -9.81 -0.36
N ILE A 75 -20.12 -8.95 0.60
CA ILE A 75 -21.08 -7.86 0.40
C ILE A 75 -20.52 -6.75 -0.50
N ILE A 76 -19.28 -6.38 -0.28
CA ILE A 76 -18.62 -5.40 -1.14
C ILE A 76 -18.63 -5.83 -2.57
N LYS A 77 -18.30 -7.09 -2.83
CA LYS A 77 -18.22 -7.53 -4.23
C LYS A 77 -19.59 -7.54 -4.87
N SER A 78 -20.64 -7.88 -4.13
CA SER A 78 -21.95 -7.93 -4.79
C SER A 78 -22.62 -6.52 -4.94
N ASN A 79 -22.40 -5.63 -3.97
CA ASN A 79 -22.84 -4.25 -4.08
C ASN A 79 -22.15 -3.53 -5.28
N GLY A 80 -20.87 -3.87 -5.54
CA GLY A 80 -20.11 -3.29 -6.69
C GLY A 80 -19.59 -1.87 -6.38
N VAL A 81 -19.84 -1.38 -5.17
CA VAL A 81 -19.42 0.00 -4.79
C VAL A 81 -18.81 -0.06 -3.40
N LEU A 82 -17.94 0.89 -3.06
CA LEU A 82 -17.26 0.84 -1.76
C LEU A 82 -16.67 2.21 -1.47
N SER A 83 -16.34 2.46 -0.21
CA SER A 83 -15.51 3.60 0.10
C SER A 83 -14.26 3.12 0.76
N VAL A 84 -13.20 3.87 0.59
CA VAL A 84 -11.93 3.64 1.26
C VAL A 84 -11.68 4.90 2.07
N ASN A 85 -11.46 4.69 3.36
CA ASN A 85 -11.41 5.72 4.37
C ASN A 85 -10.10 5.63 5.13
N TRP A 86 -9.12 6.44 4.77
CA TRP A 86 -7.86 6.51 5.50
C TRP A 86 -8.03 7.20 6.83
N LEU A 87 -7.75 6.50 7.91
CA LEU A 87 -8.14 6.95 9.23
C LEU A 87 -7.12 7.99 9.76
N ALA A 88 -7.58 8.89 10.60
CA ALA A 88 -6.73 9.88 11.26
C ALA A 88 -6.23 9.37 12.61
N ALA A 89 -5.23 10.03 13.17
CA ALA A 89 -4.59 9.58 14.40
C ALA A 89 -5.55 9.34 15.61
N GLY A 90 -6.60 10.15 15.75
CA GLY A 90 -7.58 9.90 16.83
C GLY A 90 -8.59 8.79 16.61
N GLN A 91 -8.43 8.00 15.56
CA GLN A 91 -9.52 7.09 15.21
C GLN A 91 -9.14 5.63 15.37
N ALA A 92 -8.19 5.34 16.24
CA ALA A 92 -7.79 3.92 16.44
C ALA A 92 -8.96 3.03 16.84
N VAL A 93 -9.95 3.63 17.51
CA VAL A 93 -11.15 2.87 18.00
C VAL A 93 -12.00 2.39 16.82
N ILE A 94 -12.06 3.20 15.77
CA ILE A 94 -12.72 2.78 14.53
C ILE A 94 -11.98 1.61 13.85
N SER A 95 -10.68 1.74 13.62
CA SER A 95 -9.86 0.62 13.16
C SER A 95 -10.11 -0.66 14.00
N GLN A 96 -10.10 -0.53 15.32
CA GLN A 96 -10.35 -1.72 16.20
C GLN A 96 -11.71 -2.34 15.96
N THR A 97 -12.73 -1.51 15.95
CA THR A 97 -14.11 -1.93 15.69
C THR A 97 -14.23 -2.70 14.38
N PHE A 98 -13.63 -2.16 13.32
CA PHE A 98 -13.78 -2.77 11.99
C PHE A 98 -12.81 -3.94 11.76
N ALA A 99 -11.87 -4.16 12.68
CA ALA A 99 -11.03 -5.39 12.67
C ALA A 99 -11.66 -6.50 13.49
N GLY A 100 -12.79 -6.20 14.13
CA GLY A 100 -13.45 -7.21 14.95
C GLY A 100 -13.10 -7.17 16.45
N VAL A 101 -12.24 -6.23 16.88
CA VAL A 101 -11.92 -6.09 18.31
C VAL A 101 -13.18 -5.72 19.08
N GLY A 102 -13.50 -6.52 20.11
CA GLY A 102 -14.76 -6.35 20.81
C GLY A 102 -15.98 -7.02 20.15
N SER A 103 -15.81 -7.67 18.99
CA SER A 103 -16.93 -8.43 18.34
C SER A 103 -18.19 -7.59 18.21
N VAL A 104 -18.02 -6.38 17.69
CA VAL A 104 -19.20 -5.59 17.40
C VAL A 104 -19.89 -6.12 16.14
N PRO A 105 -21.18 -6.46 16.29
CA PRO A 105 -21.90 -6.98 15.11
C PRO A 105 -21.80 -6.07 13.87
N MET A 106 -21.70 -6.63 12.67
CA MET A 106 -21.38 -5.86 11.46
C MET A 106 -22.25 -4.59 11.30
N GLU A 107 -23.55 -4.79 11.37
CA GLU A 107 -24.46 -3.70 11.12
C GLU A 107 -24.61 -2.66 12.25
N GLU A 108 -23.91 -2.87 13.37
CA GLU A 108 -24.00 -1.93 14.48
C GLU A 108 -22.78 -1.06 14.45
N ARG A 109 -21.93 -1.32 13.45
CA ARG A 109 -20.61 -0.69 13.39
C ARG A 109 -20.66 0.74 12.91
N PHE A 110 -21.79 1.15 12.36
CA PHE A 110 -21.99 2.43 11.66
C PHE A 110 -22.94 3.43 12.37
N ALA A 111 -23.00 3.30 13.69
CA ALA A 111 -23.87 4.11 14.54
C ALA A 111 -23.52 5.59 14.44
N ASP A 112 -22.29 5.91 14.82
CA ASP A 112 -21.73 7.23 14.66
C ASP A 112 -22.19 8.04 13.43
N LYS A 113 -22.52 9.31 13.63
CA LYS A 113 -22.93 10.20 12.54
C LYS A 113 -21.85 10.70 11.55
N GLY A 114 -20.58 10.47 11.85
CA GLY A 114 -19.52 10.80 10.91
C GLY A 114 -19.57 9.96 9.61
N TRP A 115 -20.44 8.95 9.57
CA TRP A 115 -20.62 8.13 8.37
C TRP A 115 -21.77 8.63 7.51
N GLN A 116 -21.44 9.16 6.34
CA GLN A 116 -22.46 9.63 5.42
C GLN A 116 -22.30 9.07 4.04
N THR A 117 -23.36 9.21 3.30
CA THR A 117 -23.46 8.84 1.93
C THR A 117 -22.89 10.00 1.01
N ILE A 118 -22.33 9.69 -0.15
CA ILE A 118 -21.86 10.74 -1.03
C ILE A 118 -22.38 10.58 -2.43
N ALA A 119 -21.85 9.63 -3.18
CA ALA A 119 -22.35 9.39 -4.52
C ALA A 119 -22.93 8.00 -4.74
N THR A 120 -22.25 6.94 -4.33
CA THR A 120 -22.62 5.58 -4.71
C THR A 120 -23.59 4.98 -3.73
N GLY A 121 -23.74 5.63 -2.58
CA GLY A 121 -24.48 5.00 -1.47
C GLY A 121 -23.62 4.24 -0.48
N ALA A 122 -22.36 4.00 -0.79
CA ALA A 122 -21.46 3.45 0.23
C ALA A 122 -21.33 4.48 1.41
N PRO A 123 -21.17 4.00 2.65
CA PRO A 123 -20.89 4.96 3.74
C PRO A 123 -19.44 5.48 3.68
N TYR A 124 -19.24 6.80 3.73
CA TYR A 124 -17.95 7.48 3.68
C TYR A 124 -17.77 8.10 5.06
N ARG A 125 -16.57 7.95 5.61
CA ARG A 125 -16.23 8.47 6.95
C ARG A 125 -15.84 9.94 6.77
N MET A 126 -16.73 10.88 7.07
CA MET A 126 -16.47 12.30 6.68
C MET A 126 -15.33 13.05 7.34
N ASP A 127 -14.90 12.55 8.50
CA ASP A 127 -13.79 13.12 9.25
C ASP A 127 -12.52 12.27 9.16
N ALA A 128 -12.47 11.39 8.16
CA ALA A 128 -11.28 10.58 7.91
C ALA A 128 -10.25 11.49 7.25
N ALA A 129 -8.98 11.16 7.35
CA ALA A 129 -7.99 12.00 6.64
C ALA A 129 -8.25 12.03 5.11
N VAL A 130 -8.78 10.95 4.53
CA VAL A 130 -9.12 10.84 3.11
C VAL A 130 -10.23 9.84 2.96
N SER A 131 -11.23 10.21 2.19
CA SER A 131 -12.35 9.32 1.97
C SER A 131 -12.67 9.31 0.49
N PHE A 132 -12.55 8.13 -0.11
CA PHE A 132 -12.83 7.99 -1.54
C PHE A 132 -14.09 7.16 -1.72
N ASP A 133 -15.02 7.60 -2.56
CA ASP A 133 -16.21 6.80 -2.84
C ASP A 133 -16.01 6.19 -4.23
N CYS A 134 -16.27 4.89 -4.42
CA CYS A 134 -15.68 4.14 -5.58
C CYS A 134 -16.62 3.11 -6.21
N THR A 135 -16.36 2.75 -7.47
CA THR A 135 -17.08 1.66 -8.06
C THR A 135 -15.99 0.65 -8.41
N ILE A 136 -16.32 -0.62 -8.23
CA ILE A 136 -15.39 -1.69 -8.57
C ILE A 136 -15.21 -1.82 -10.06
N ALA A 137 -13.95 -1.85 -10.51
CA ALA A 137 -13.64 -1.91 -11.93
C ALA A 137 -13.11 -3.28 -12.34
N ASN A 138 -12.39 -3.96 -11.44
CA ASN A 138 -11.75 -5.25 -11.82
C ASN A 138 -11.35 -5.96 -10.55
N ILE A 139 -11.27 -7.29 -10.61
CA ILE A 139 -10.83 -8.03 -9.44
C ILE A 139 -9.84 -9.09 -9.88
N VAL A 140 -8.69 -9.13 -9.24
CA VAL A 140 -7.68 -10.18 -9.49
C VAL A 140 -7.50 -11.04 -8.20
N ASP A 141 -7.74 -12.34 -8.32
CA ASP A 141 -7.59 -13.23 -7.19
C ASP A 141 -6.18 -13.78 -7.03
N VAL A 142 -5.63 -13.64 -5.83
CA VAL A 142 -4.31 -14.12 -5.53
C VAL A 142 -4.29 -14.84 -4.17
N GLY A 143 -3.99 -16.13 -4.16
CA GLY A 143 -3.99 -16.85 -2.93
C GLY A 143 -5.38 -16.70 -2.33
N SER A 144 -5.43 -16.35 -1.04
CA SER A 144 -6.70 -16.27 -0.34
C SER A 144 -7.36 -14.91 -0.51
N HIS A 145 -6.74 -14.02 -1.30
CA HIS A 145 -7.20 -12.64 -1.34
C HIS A 145 -7.78 -12.18 -2.70
N SER A 146 -8.78 -11.32 -2.68
CA SER A 146 -9.16 -10.60 -3.90
C SER A 146 -8.49 -9.24 -3.94
N VAL A 147 -7.82 -8.93 -5.03
CA VAL A 147 -7.27 -7.59 -5.20
C VAL A 147 -8.32 -6.87 -6.00
N ILE A 148 -8.96 -5.91 -5.35
CA ILE A 148 -10.06 -5.21 -5.98
C ILE A 148 -9.57 -3.83 -6.50
N PHE A 149 -9.74 -3.59 -7.81
CA PHE A 149 -9.44 -2.29 -8.41
C PHE A 149 -10.69 -1.43 -8.43
N ALA A 150 -10.62 -0.25 -7.85
CA ALA A 150 -11.83 0.61 -7.68
C ALA A 150 -11.52 1.99 -8.25
N GLU A 151 -12.40 2.48 -9.11
CA GLU A 151 -12.36 3.85 -9.64
C GLU A 151 -13.05 4.88 -8.75
N VAL A 152 -12.42 6.03 -8.52
CA VAL A 152 -12.86 6.98 -7.53
C VAL A 152 -13.87 7.91 -8.19
N VAL A 153 -15.09 7.97 -7.66
CA VAL A 153 -16.07 8.85 -8.28
C VAL A 153 -16.46 10.04 -7.39
N ALA A 154 -16.00 10.04 -6.14
CA ALA A 154 -16.12 11.19 -5.24
C ALA A 154 -15.11 11.08 -4.10
N ARG A 155 -14.88 12.20 -3.42
CA ARG A 155 -13.91 12.29 -2.31
C ARG A 155 -14.39 13.21 -1.17
N ASN A 156 -13.98 12.98 0.07
CA ASN A 156 -14.39 13.99 1.05
C ASN A 156 -13.42 15.17 0.86
N HIS A 157 -13.93 16.39 0.75
CA HIS A 157 -13.01 17.53 0.88
C HIS A 157 -12.72 17.65 2.39
N ALA A 158 -11.56 17.12 2.79
CA ALA A 158 -11.21 16.72 4.15
C ALA A 158 -10.53 17.86 4.93
N GLU A 159 -10.83 18.00 6.22
CA GLU A 159 -10.10 18.95 7.08
C GLU A 159 -8.80 18.31 7.50
N GLU A 160 -7.83 19.12 7.92
CA GLU A 160 -6.51 18.58 8.20
C GLU A 160 -6.50 17.50 9.27
N CYS A 161 -5.65 16.50 9.02
CA CYS A 161 -5.64 15.25 9.78
C CYS A 161 -4.29 14.54 9.63
N THR A 162 -3.60 14.43 10.75
CA THR A 162 -2.45 13.56 10.94
C THR A 162 -2.85 12.03 10.94
N PRO A 163 -2.17 11.20 10.16
CA PRO A 163 -2.84 9.93 9.86
C PRO A 163 -2.55 8.82 10.86
N LEU A 164 -3.39 7.79 10.85
CA LEU A 164 -3.17 6.65 11.68
C LEU A 164 -2.26 5.69 10.90
N ILE A 165 -1.24 5.17 11.58
CA ILE A 165 -0.27 4.27 10.98
C ILE A 165 -0.26 2.98 11.80
N TYR A 166 0.08 1.86 11.18
CA TYR A 166 0.29 0.60 11.94
C TYR A 166 1.74 0.14 11.67
N HIS A 167 2.47 -0.23 12.72
CA HIS A 167 3.88 -0.63 12.65
C HIS A 167 4.17 -1.46 13.87
N ARG A 168 4.78 -2.63 13.71
CA ARG A 168 5.11 -3.46 14.87
C ARG A 168 3.92 -3.81 15.76
N ARG A 169 2.78 -4.07 15.12
CA ARG A 169 1.59 -4.55 15.80
C ARG A 169 0.97 -3.53 16.76
N GLN A 170 1.26 -2.27 16.53
CA GLN A 170 0.68 -1.18 17.33
C GLN A 170 0.30 -0.04 16.40
N TYR A 171 -0.63 0.78 16.87
CA TYR A 171 -1.02 2.03 16.21
C TYR A 171 0.02 3.11 16.49
N ALA A 172 0.15 4.06 15.58
CA ALA A 172 1.09 5.14 15.73
C ALA A 172 0.61 6.30 14.88
N THR A 173 1.22 7.45 15.06
CA THR A 173 1.01 8.55 14.14
C THR A 173 2.35 9.13 13.64
N THR A 174 2.34 10.19 12.84
CA THR A 174 3.61 10.72 12.30
C THR A 174 4.23 11.83 13.17
N ARG A 175 5.54 11.98 13.05
CA ARG A 175 6.24 13.20 13.44
C ARG A 175 7.35 13.50 12.42
N SER A 176 8.02 14.61 12.64
CA SER A 176 8.98 15.13 11.66
C SER A 176 10.29 14.46 11.90
N LEU A 177 11.15 14.45 10.89
CA LEU A 177 12.49 13.93 11.05
C LEU A 177 13.42 14.88 11.88
N PHE B 14 -21.59 6.71 -12.89
CA PHE B 14 -20.81 7.70 -12.12
C PHE B 14 -19.64 8.26 -12.92
N GLU B 15 -19.29 9.54 -12.73
CA GLU B 15 -18.11 10.06 -13.46
C GLU B 15 -16.92 10.04 -12.50
N THR B 16 -15.72 9.79 -13.00
CA THR B 16 -14.60 9.74 -12.08
C THR B 16 -14.20 11.17 -11.66
N VAL B 17 -13.63 11.33 -10.46
CA VAL B 17 -13.01 12.58 -10.02
C VAL B 17 -11.86 13.05 -10.95
N ALA B 18 -11.58 14.34 -10.89
CA ALA B 18 -10.49 14.95 -11.64
C ALA B 18 -9.19 14.29 -11.17
N SER B 19 -8.26 14.02 -12.07
CA SER B 19 -6.91 13.55 -11.71
C SER B 19 -6.23 14.49 -10.69
N PHE B 20 -6.36 15.82 -10.89
CA PHE B 20 -5.89 16.78 -9.88
C PHE B 20 -6.44 16.51 -8.47
N ASP B 21 -7.75 16.31 -8.36
CA ASP B 21 -8.36 16.02 -7.04
C ASP B 21 -7.93 14.68 -6.45
N PHE B 22 -7.82 13.65 -7.28
CA PHE B 22 -7.31 12.32 -6.84
C PHE B 22 -5.90 12.50 -6.17
N ARG B 23 -4.97 13.16 -6.85
CA ARG B 23 -3.62 13.39 -6.30
C ARG B 23 -3.59 14.27 -5.06
N ASP B 24 -4.33 15.37 -5.11
CA ASP B 24 -4.40 16.21 -3.91
C ASP B 24 -4.92 15.49 -2.68
N ALA B 25 -6.03 14.75 -2.85
CA ALA B 25 -6.59 13.98 -1.73
C ALA B 25 -5.55 12.98 -1.21
N LEU B 26 -4.93 12.19 -2.10
CA LEU B 26 -3.89 11.24 -1.69
C LEU B 26 -2.64 11.90 -1.03
N SER B 27 -2.31 13.15 -1.37
CA SER B 27 -1.22 13.81 -0.61
C SER B 27 -1.49 13.82 0.91
N LYS B 28 -2.76 13.75 1.30
CA LYS B 28 -3.09 13.78 2.74
C LYS B 28 -3.00 12.39 3.42
N ALA B 29 -2.86 11.33 2.62
CA ALA B 29 -2.62 10.01 3.20
C ALA B 29 -1.18 9.87 3.57
N SER B 30 -0.91 8.85 4.38
CA SER B 30 0.46 8.53 4.74
C SER B 30 0.86 7.22 4.06
N THR B 31 2.11 7.08 3.58
CA THR B 31 2.63 5.76 3.09
C THR B 31 4.06 5.43 3.62
N PRO B 32 4.45 4.15 3.67
CA PRO B 32 5.86 3.86 3.85
C PRO B 32 6.59 4.25 2.56
N VAL B 33 7.92 4.29 2.59
CA VAL B 33 8.72 4.64 1.43
C VAL B 33 9.57 3.41 1.19
N THR B 34 9.57 2.91 -0.04
CA THR B 34 10.46 1.80 -0.31
C THR B 34 11.34 2.12 -1.52
N VAL B 35 12.42 1.35 -1.68
CA VAL B 35 13.13 1.31 -2.96
C VAL B 35 12.88 -0.04 -3.59
N VAL B 36 12.48 -0.05 -4.88
CA VAL B 36 12.33 -1.29 -5.63
C VAL B 36 13.54 -1.36 -6.53
N ALA B 37 14.27 -2.45 -6.45
CA ALA B 37 15.50 -2.55 -7.22
C ALA B 37 15.55 -3.86 -7.97
N THR B 38 16.37 -3.90 -9.02
CA THR B 38 16.54 -5.14 -9.80
C THR B 38 17.96 -5.22 -10.38
N ASN B 39 18.35 -6.44 -10.80
CA ASN B 39 19.56 -6.58 -11.61
C ASN B 39 19.42 -7.86 -12.39
N GLY B 40 20.21 -7.99 -13.44
CA GLY B 40 20.19 -9.17 -14.28
C GLY B 40 20.71 -8.75 -15.63
N PRO B 41 20.39 -9.52 -16.69
CA PRO B 41 20.94 -9.27 -18.02
C PRO B 41 20.49 -7.94 -18.67
N PHE B 42 19.42 -7.37 -18.14
CA PHE B 42 18.94 -6.11 -18.68
C PHE B 42 19.55 -4.94 -17.88
N GLY B 43 20.37 -5.24 -16.86
CA GLY B 43 21.12 -4.22 -16.12
C GLY B 43 20.51 -3.90 -14.75
N LEU B 44 21.17 -2.98 -14.04
CA LEU B 44 20.87 -2.52 -12.72
C LEU B 44 19.86 -1.37 -12.78
N ALA B 45 18.79 -1.37 -11.97
CA ALA B 45 17.90 -0.17 -11.92
C ALA B 45 17.12 -0.17 -10.62
N GLY B 46 16.60 0.97 -10.20
CA GLY B 46 15.80 0.95 -8.99
C GLY B 46 15.05 2.25 -8.97
N LEU B 47 13.98 2.35 -8.20
CA LEU B 47 13.30 3.63 -8.03
C LEU B 47 12.61 3.63 -6.69
N THR B 48 12.25 4.84 -6.21
CA THR B 48 11.54 4.97 -4.96
C THR B 48 10.04 4.73 -5.22
N CYS B 49 9.42 3.96 -4.35
CA CYS B 49 8.08 3.54 -4.60
C CYS B 49 7.35 3.50 -3.25
N SER B 50 6.14 4.07 -3.22
CA SER B 50 5.28 3.97 -2.01
C SER B 50 3.99 3.19 -2.36
N ALA B 51 3.74 2.93 -3.64
CA ALA B 51 2.53 2.18 -3.99
C ALA B 51 2.85 0.68 -3.98
N VAL B 52 2.93 0.14 -2.77
CA VAL B 52 3.41 -1.20 -2.54
C VAL B 52 2.53 -1.73 -1.43
N CYS B 53 2.13 -3.00 -1.51
CA CYS B 53 1.47 -3.65 -0.38
C CYS B 53 1.53 -5.16 -0.38
N SER B 54 1.23 -5.76 0.76
CA SER B 54 1.25 -7.17 0.91
C SER B 54 -0.06 -7.72 0.31
N VAL B 55 0.00 -8.83 -0.42
CA VAL B 55 -1.19 -9.40 -1.06
C VAL B 55 -1.70 -10.63 -0.32
N CYS B 56 -0.88 -11.66 -0.13
CA CYS B 56 -1.36 -12.85 0.58
C CYS B 56 -0.14 -13.53 1.11
N ASP B 57 -0.30 -14.49 2.02
CA ASP B 57 0.89 -15.01 2.66
C ASP B 57 1.16 -16.42 2.18
N ARG B 58 0.32 -16.90 1.27
CA ARG B 58 0.55 -18.19 0.66
C ARG B 58 0.05 -18.35 -0.77
N PRO B 59 0.94 -18.30 -1.78
CA PRO B 59 2.39 -18.10 -1.65
C PRO B 59 2.62 -16.69 -1.18
N PRO B 60 3.72 -16.43 -0.47
CA PRO B 60 3.87 -15.05 -0.03
C PRO B 60 4.14 -14.07 -1.17
N THR B 61 3.37 -12.97 -1.25
CA THR B 61 3.24 -12.19 -2.47
C THR B 61 3.05 -10.75 -2.05
N VAL B 62 3.77 -9.87 -2.73
CA VAL B 62 3.55 -8.42 -2.60
C VAL B 62 3.22 -7.88 -3.98
N LEU B 63 2.64 -6.68 -4.05
CA LEU B 63 2.53 -6.03 -5.35
C LEU B 63 3.11 -4.62 -5.30
N LEU B 64 3.46 -4.06 -6.45
CA LEU B 64 3.94 -2.72 -6.49
C LEU B 64 3.46 -2.14 -7.84
N CYS B 65 3.19 -0.85 -7.82
CA CYS B 65 2.59 -0.20 -8.98
C CYS B 65 3.59 0.76 -9.52
N ILE B 66 3.98 0.56 -10.74
CA ILE B 66 5.02 1.48 -11.16
C ILE B 66 4.77 2.02 -12.54
N ASN B 67 5.01 3.32 -12.66
CA ASN B 67 4.73 4.06 -13.89
C ASN B 67 5.58 3.45 -15.03
N ARG B 68 4.95 3.06 -16.12
CA ARG B 68 5.68 2.48 -17.25
C ARG B 68 6.67 3.46 -17.86
N LYS B 69 6.52 4.75 -17.53
CA LYS B 69 7.45 5.77 -18.06
C LYS B 69 8.77 5.83 -17.29
N SER B 70 8.83 5.22 -16.12
CA SER B 70 10.08 5.12 -15.38
C SER B 70 11.13 4.33 -16.16
N TYR B 71 12.40 4.77 -16.11
CA TYR B 71 13.49 4.06 -16.76
C TYR B 71 13.66 2.69 -16.15
N ALA B 72 13.34 2.57 -14.87
CA ALA B 72 13.47 1.24 -14.22
C ALA B 72 12.39 0.22 -14.62
N ALA B 73 11.23 0.68 -15.08
CA ALA B 73 10.07 -0.19 -15.32
C ALA B 73 10.43 -1.32 -16.25
N GLY B 74 10.92 -0.99 -17.42
CA GLY B 74 11.12 -2.03 -18.40
C GLY B 74 12.27 -2.96 -18.04
N ILE B 75 13.29 -2.45 -17.33
CA ILE B 75 14.43 -3.27 -16.86
C ILE B 75 13.98 -4.29 -15.78
N ILE B 76 13.14 -3.86 -14.85
CA ILE B 76 12.59 -4.76 -13.84
C ILE B 76 11.79 -5.85 -14.55
N LYS B 77 10.87 -5.45 -15.41
CA LYS B 77 10.00 -6.47 -15.98
C LYS B 77 10.82 -7.48 -16.80
N SER B 78 11.83 -7.01 -17.53
CA SER B 78 12.68 -7.93 -18.33
C SER B 78 13.63 -8.78 -17.48
N ASN B 79 14.18 -8.21 -16.40
CA ASN B 79 15.00 -9.08 -15.53
C ASN B 79 14.16 -10.14 -14.85
N GLY B 80 12.89 -9.87 -14.50
CA GLY B 80 12.02 -10.93 -13.96
C GLY B 80 12.15 -11.06 -12.44
N VAL B 81 13.03 -10.26 -11.82
CA VAL B 81 13.28 -10.34 -10.36
C VAL B 81 13.39 -8.91 -9.82
N LEU B 82 13.13 -8.71 -8.54
CA LEU B 82 13.19 -7.38 -7.95
C LEU B 82 13.30 -7.53 -6.48
N SER B 83 13.76 -6.50 -5.79
CA SER B 83 13.60 -6.47 -4.36
C SER B 83 12.76 -5.28 -3.96
N VAL B 84 12.21 -5.36 -2.76
CA VAL B 84 11.41 -4.27 -2.21
C VAL B 84 12.05 -3.95 -0.90
N ASN B 85 12.47 -2.72 -0.70
CA ASN B 85 13.28 -2.43 0.48
C ASN B 85 12.59 -1.30 1.24
N TRP B 86 11.88 -1.61 2.34
CA TRP B 86 11.24 -0.59 3.19
C TRP B 86 12.31 0.21 3.97
N LEU B 87 12.38 1.54 3.75
CA LEU B 87 13.48 2.33 4.30
C LEU B 87 13.22 2.74 5.72
N ALA B 88 14.34 2.91 6.46
CA ALA B 88 14.29 3.26 7.87
C ALA B 88 14.31 4.77 7.96
N ALA B 89 13.95 5.34 9.12
CA ALA B 89 13.84 6.80 9.21
C ALA B 89 15.10 7.59 8.88
N GLY B 90 16.27 6.97 9.02
CA GLY B 90 17.51 7.67 8.70
C GLY B 90 17.91 7.60 7.22
N GLN B 91 17.10 6.92 6.42
CA GLN B 91 17.51 6.66 5.04
C GLN B 91 16.85 7.55 3.96
N ALA B 92 16.42 8.75 4.32
CA ALA B 92 15.76 9.65 3.37
C ALA B 92 16.66 10.03 2.18
N VAL B 93 17.96 10.16 2.42
CA VAL B 93 18.84 10.43 1.26
C VAL B 93 18.83 9.28 0.23
N ILE B 94 18.68 8.04 0.66
CA ILE B 94 18.50 6.93 -0.30
C ILE B 94 17.19 7.09 -1.10
N SER B 95 16.11 7.47 -0.42
CA SER B 95 14.84 7.72 -1.08
C SER B 95 14.96 8.84 -2.13
N GLN B 96 15.66 9.92 -1.78
CA GLN B 96 15.88 11.06 -2.66
C GLN B 96 16.64 10.58 -3.89
N THR B 97 17.76 9.89 -3.68
CA THR B 97 18.55 9.31 -4.80
C THR B 97 17.71 8.46 -5.80
N PHE B 98 16.93 7.53 -5.25
CA PHE B 98 16.08 6.66 -6.06
C PHE B 98 14.84 7.32 -6.64
N ALA B 99 14.54 8.56 -6.19
CA ALA B 99 13.45 9.30 -6.81
C ALA B 99 13.95 10.19 -7.95
N GLY B 100 15.25 10.18 -8.22
CA GLY B 100 15.82 10.98 -9.29
C GLY B 100 16.46 12.30 -8.81
N VAL B 101 16.46 12.56 -7.52
CA VAL B 101 17.13 13.82 -7.04
C VAL B 101 18.66 13.73 -7.22
N GLY B 102 19.29 14.77 -7.78
CA GLY B 102 20.72 14.69 -8.04
C GLY B 102 21.00 14.00 -9.39
N SER B 103 19.98 13.36 -9.96
CA SER B 103 20.13 12.54 -11.18
C SER B 103 21.34 11.60 -11.18
N VAL B 104 21.38 10.68 -10.24
CA VAL B 104 22.50 9.75 -10.09
C VAL B 104 22.29 8.64 -11.09
N PRO B 105 23.30 8.32 -11.90
CA PRO B 105 23.13 7.19 -12.82
C PRO B 105 22.77 5.90 -12.11
N MET B 106 21.87 5.12 -12.71
CA MET B 106 21.37 3.90 -12.11
C MET B 106 22.46 3.09 -11.40
N GLU B 107 23.52 2.69 -12.12
CA GLU B 107 24.53 1.78 -11.55
C GLU B 107 25.16 2.39 -10.31
N GLU B 108 25.42 3.67 -10.42
CA GLU B 108 26.06 4.45 -9.36
C GLU B 108 25.20 4.44 -8.09
N ARG B 109 23.88 4.30 -8.24
CA ARG B 109 23.00 4.33 -7.09
C ARG B 109 23.29 3.18 -6.14
N PHE B 110 23.89 2.15 -6.70
CA PHE B 110 24.09 0.91 -5.95
C PHE B 110 25.52 0.72 -5.50
N ALA B 111 26.31 1.80 -5.54
CA ALA B 111 27.77 1.69 -5.31
C ALA B 111 28.13 1.36 -3.87
N ASP B 112 27.32 1.86 -2.97
CA ASP B 112 27.52 1.69 -1.51
C ASP B 112 27.45 0.21 -1.09
N LYS B 113 28.39 -0.22 -0.24
CA LYS B 113 28.51 -1.62 0.19
C LYS B 113 27.27 -2.21 0.90
N GLY B 114 26.37 -1.35 1.40
CA GLY B 114 25.17 -1.80 2.10
C GLY B 114 24.15 -2.50 1.16
N TRP B 115 24.32 -2.34 -0.15
CA TRP B 115 23.58 -3.07 -1.18
C TRP B 115 24.34 -4.39 -1.51
N GLN B 116 23.70 -5.55 -1.26
CA GLN B 116 24.26 -6.89 -1.62
C GLN B 116 23.22 -7.73 -2.39
N THR B 117 23.45 -9.03 -2.62
CA THR B 117 22.38 -9.86 -3.23
C THR B 117 22.04 -10.81 -2.11
N ILE B 118 20.88 -11.43 -2.17
CA ILE B 118 20.57 -12.55 -1.34
C ILE B 118 20.35 -13.80 -2.19
N ALA B 119 19.22 -13.90 -2.94
CA ALA B 119 18.89 -15.11 -3.72
C ALA B 119 18.76 -14.91 -5.23
N THR B 120 18.08 -13.86 -5.64
CA THR B 120 17.73 -13.72 -7.04
C THR B 120 18.78 -13.00 -7.89
N GLY B 121 19.66 -12.23 -7.25
CA GLY B 121 20.54 -11.33 -7.96
C GLY B 121 20.05 -9.89 -7.87
N ALA B 122 18.81 -9.69 -7.46
CA ALA B 122 18.37 -8.28 -7.32
C ALA B 122 19.14 -7.61 -6.19
N PRO B 123 19.43 -6.28 -6.28
CA PRO B 123 20.09 -5.69 -5.10
C PRO B 123 19.17 -5.56 -3.91
N TYR B 124 19.67 -5.93 -2.74
CA TYR B 124 18.91 -5.87 -1.50
C TYR B 124 19.62 -4.91 -0.53
N ARG B 125 18.85 -4.03 0.10
CA ARG B 125 19.51 -3.07 1.01
C ARG B 125 19.51 -3.72 2.38
N MET B 126 20.69 -4.16 2.84
CA MET B 126 20.73 -5.08 3.98
C MET B 126 20.34 -4.44 5.31
N ASP B 127 20.45 -3.13 5.39
CA ASP B 127 20.05 -2.43 6.60
C ASP B 127 18.73 -1.66 6.40
N ALA B 128 17.92 -2.05 5.42
CA ALA B 128 16.60 -1.48 5.32
C ALA B 128 15.78 -2.07 6.49
N ALA B 129 14.73 -1.40 6.95
CA ALA B 129 13.88 -2.02 7.98
C ALA B 129 13.44 -3.44 7.57
N VAL B 130 13.03 -3.57 6.31
CA VAL B 130 12.67 -4.86 5.74
C VAL B 130 13.10 -4.87 4.28
N SER B 131 13.63 -5.99 3.83
CA SER B 131 14.06 -6.17 2.46
C SER B 131 13.60 -7.53 1.95
N PHE B 132 12.78 -7.56 0.90
CA PHE B 132 12.28 -8.82 0.39
C PHE B 132 12.92 -9.06 -0.98
N ASP B 133 13.44 -10.24 -1.19
CA ASP B 133 14.00 -10.58 -2.50
C ASP B 133 12.92 -11.40 -3.24
N CYS B 134 12.61 -11.07 -4.50
CA CYS B 134 11.36 -11.60 -5.13
C CYS B 134 11.53 -12.03 -6.55
N THR B 135 10.63 -12.88 -7.01
CA THR B 135 10.51 -13.12 -8.45
C THR B 135 9.15 -12.67 -8.89
N ILE B 136 9.09 -12.08 -10.07
CA ILE B 136 7.84 -11.65 -10.63
C ILE B 136 6.96 -12.87 -10.96
N ALA B 137 5.67 -12.84 -10.59
CA ALA B 137 4.70 -13.91 -10.93
C ALA B 137 3.60 -13.45 -11.93
N ASN B 138 3.27 -12.17 -11.91
CA ASN B 138 2.13 -11.67 -12.68
C ASN B 138 2.31 -10.18 -12.89
N ILE B 139 1.98 -9.68 -14.10
CA ILE B 139 1.95 -8.21 -14.35
C ILE B 139 0.63 -7.79 -14.99
N VAL B 140 -0.04 -6.79 -14.42
CA VAL B 140 -1.36 -6.34 -14.95
C VAL B 140 -1.20 -4.85 -15.20
N ASP B 141 -1.42 -4.40 -16.42
CA ASP B 141 -1.18 -3.00 -16.73
C ASP B 141 -2.50 -2.25 -16.66
N VAL B 142 -2.53 -1.19 -15.89
CA VAL B 142 -3.77 -0.50 -15.56
C VAL B 142 -3.44 0.98 -15.71
N GLY B 143 -4.17 1.70 -16.54
CA GLY B 143 -3.76 3.08 -16.83
C GLY B 143 -2.28 3.17 -17.22
N SER B 144 -1.55 4.11 -16.62
CA SER B 144 -0.15 4.37 -16.94
C SER B 144 0.81 3.40 -16.33
N HIS B 145 0.32 2.61 -15.38
CA HIS B 145 1.17 1.84 -14.53
C HIS B 145 1.09 0.32 -14.80
N SER B 146 2.17 -0.35 -14.46
CA SER B 146 2.22 -1.77 -14.41
C SER B 146 2.06 -2.18 -12.93
N VAL B 147 1.12 -3.07 -12.64
CA VAL B 147 1.00 -3.59 -11.29
C VAL B 147 1.69 -4.92 -11.29
N ILE B 148 2.77 -5.02 -10.53
CA ILE B 148 3.67 -6.15 -10.61
C ILE B 148 3.43 -6.95 -9.34
N PHE B 149 3.02 -8.17 -9.48
CA PHE B 149 2.89 -9.13 -8.37
C PHE B 149 4.20 -9.95 -8.28
N ALA B 150 4.83 -9.97 -7.12
CA ALA B 150 6.11 -10.69 -6.95
C ALA B 150 6.05 -11.64 -5.77
N GLU B 151 6.52 -12.88 -5.95
CA GLU B 151 6.63 -13.79 -4.83
C GLU B 151 7.95 -13.69 -4.08
N VAL B 152 7.88 -13.74 -2.76
CA VAL B 152 9.04 -13.48 -1.92
C VAL B 152 9.84 -14.75 -1.71
N VAL B 153 11.13 -14.74 -2.08
CA VAL B 153 11.96 -15.93 -1.96
C VAL B 153 13.01 -15.79 -0.87
N ALA B 154 13.33 -14.56 -0.43
CA ALA B 154 14.20 -14.38 0.74
C ALA B 154 13.97 -13.00 1.38
N ARG B 155 14.56 -12.83 2.56
CA ARG B 155 14.43 -11.59 3.26
C ARG B 155 15.68 -11.27 4.11
N ASN B 156 15.83 -10.02 4.54
CA ASN B 156 16.95 -9.63 5.38
C ASN B 156 16.56 -9.83 6.84
N HIS B 157 17.47 -9.54 7.76
CA HIS B 157 17.20 -9.75 9.18
C HIS B 157 17.73 -8.52 9.90
N ALA B 158 17.04 -7.38 9.78
CA ALA B 158 17.58 -6.14 10.33
C ALA B 158 17.09 -5.82 11.74
N GLU B 159 17.92 -5.12 12.50
CA GLU B 159 17.54 -4.75 13.87
C GLU B 159 16.73 -3.45 13.99
N GLU B 160 17.24 -2.37 13.39
CA GLU B 160 16.57 -1.06 13.42
C GLU B 160 15.48 -0.94 12.38
N CYS B 161 14.28 -0.61 12.83
CA CYS B 161 13.18 -0.58 11.87
C CYS B 161 12.18 0.58 12.03
N THR B 162 12.60 1.65 12.74
CA THR B 162 11.86 2.89 12.74
C THR B 162 11.65 3.36 11.31
N PRO B 163 10.40 3.58 10.91
CA PRO B 163 10.03 3.70 9.49
C PRO B 163 10.26 5.07 8.89
N LEU B 164 10.65 5.12 7.63
CA LEU B 164 10.56 6.35 6.88
C LEU B 164 9.14 6.42 6.28
N ILE B 165 8.42 7.51 6.50
CA ILE B 165 7.03 7.66 6.09
C ILE B 165 6.97 8.89 5.11
N TYR B 166 5.99 8.95 4.22
CA TYR B 166 5.83 10.09 3.31
C TYR B 166 4.43 10.57 3.47
N HIS B 167 4.29 11.89 3.66
CA HIS B 167 2.99 12.42 4.04
C HIS B 167 2.94 13.91 3.69
N ARG B 168 1.90 14.33 2.97
CA ARG B 168 1.80 15.73 2.47
C ARG B 168 3.11 16.14 1.91
N ARG B 169 3.65 15.32 1.02
CA ARG B 169 4.79 15.71 0.18
C ARG B 169 6.10 15.90 0.93
N GLN B 170 6.18 15.38 2.16
CA GLN B 170 7.49 15.22 2.78
C GLN B 170 7.74 14.04 3.67
N TYR B 171 9.01 13.86 4.04
CA TYR B 171 9.35 12.70 4.89
C TYR B 171 8.95 12.86 6.35
N ALA B 172 8.74 11.74 7.05
CA ALA B 172 8.31 11.80 8.43
C ALA B 172 8.71 10.47 9.02
N THR B 173 8.46 10.26 10.30
CA THR B 173 8.62 8.92 10.84
C THR B 173 7.49 8.76 11.84
N THR B 174 7.57 7.78 12.72
CA THR B 174 6.43 7.52 13.58
C THR B 174 6.63 7.99 15.00
N ARG B 175 5.49 8.06 15.71
CA ARG B 175 5.31 8.57 17.08
C ARG B 175 4.25 7.69 17.77
N SER B 176 4.33 7.59 19.09
CA SER B 176 3.30 6.82 19.79
C SER B 176 1.97 7.53 19.85
N LEU B 177 0.91 6.70 19.87
CA LEU B 177 -0.49 7.05 20.22
C LEU B 177 -1.55 6.28 19.40
#